data_1Z39
#
_entry.id   1Z39
#
_cell.length_a   136.800
_cell.length_b   136.800
_cell.length_c   136.800
_cell.angle_alpha   90.00
_cell.angle_beta   90.00
_cell.angle_gamma   90.00
#
_symmetry.space_group_name_H-M   'P 41 3 2'
#
loop_
_entity.id
_entity.type
_entity.pdbx_description
1 polymer 'purine nucleoside phosphorylase'
2 non-polymer "2'-DEOXYINOSINE"
3 water water
#
_entity_poly.entity_id   1
_entity_poly.type   'polypeptide(L)'
_entity_poly.pdbx_seq_one_letter_code
;ATPHNSAQVGDFAETVLMCGDPLRAKLIAETYLENPKLVNNVRGIQGYTGTYKGKPISVMGHGMGLPSICIYAEELYSTY
KVKTIIRVGTCGAIDMDIHTRDIVIFTSAGTNSKINRIRFMDHDYPATASFDVVCALVDAAKELNIPAKVGKGFSTDLFY
NPQTELAQLMNKFHFLAVEMESAGLFPIADLYGARAGCICTVSDHILHHEETTAEERQNSFQNMMKIALEAAIKL
;
_entity_poly.pdbx_strand_id   A
#
loop_
_chem_comp.id
_chem_comp.type
_chem_comp.name
_chem_comp.formula
2ND non-polymer 2'-DEOXYINOSINE 'C10 H12 N4 O4'
#
# COMPACT_ATOMS: atom_id res chain seq x y z
N ALA A 1 -21.77 4.54 -8.52
CA ALA A 1 -22.08 4.64 -7.07
C ALA A 1 -21.40 5.87 -6.44
N THR A 2 -20.14 6.11 -6.78
CA THR A 2 -19.41 7.26 -6.25
C THR A 2 -18.81 8.07 -7.40
N PRO A 3 -18.33 9.29 -7.09
CA PRO A 3 -17.74 10.15 -8.12
C PRO A 3 -16.49 9.55 -8.76
N HIS A 4 -15.90 8.54 -8.12
CA HIS A 4 -14.67 7.93 -8.63
C HIS A 4 -14.78 6.43 -8.87
N ASN A 5 -15.98 5.88 -8.68
CA ASN A 5 -16.19 4.44 -8.85
C ASN A 5 -17.57 4.19 -9.45
N SER A 6 -17.61 3.51 -10.59
CA SER A 6 -18.87 3.21 -11.26
C SER A 6 -19.46 1.89 -10.78
N ALA A 7 -18.64 1.09 -10.10
CA ALA A 7 -19.08 -0.20 -9.59
C ALA A 7 -20.17 -0.06 -8.55
N GLN A 8 -20.82 -1.17 -8.25
CA GLN A 8 -21.89 -1.18 -7.26
C GLN A 8 -21.46 -2.07 -6.10
N VAL A 9 -22.09 -1.86 -4.95
CA VAL A 9 -21.78 -2.63 -3.75
C VAL A 9 -21.83 -4.11 -4.08
N GLY A 10 -20.74 -4.81 -3.78
CA GLY A 10 -20.68 -6.23 -4.07
C GLY A 10 -19.72 -6.55 -5.20
N ASP A 11 -19.42 -5.57 -6.05
CA ASP A 11 -18.51 -5.79 -7.16
C ASP A 11 -17.08 -5.95 -6.69
N PHE A 12 -16.77 -5.37 -5.52
CA PHE A 12 -15.43 -5.47 -4.95
C PHE A 12 -15.38 -6.56 -3.89
N ALA A 13 -14.24 -7.23 -3.80
CA ALA A 13 -14.02 -8.28 -2.81
C ALA A 13 -13.82 -7.57 -1.48
N GLU A 14 -13.84 -8.31 -0.38
CA GLU A 14 -13.67 -7.69 0.92
C GLU A 14 -12.19 -7.32 1.14
N THR A 15 -11.34 -7.83 0.27
CA THR A 15 -9.91 -7.58 0.34
C THR A 15 -9.47 -7.00 -1.00
N VAL A 16 -8.85 -5.83 -0.97
CA VAL A 16 -8.40 -5.16 -2.18
C VAL A 16 -6.92 -4.79 -2.14
N LEU A 17 -6.18 -5.18 -3.17
CA LEU A 17 -4.77 -4.84 -3.24
C LEU A 17 -4.67 -3.58 -4.10
N MET A 18 -3.95 -2.58 -3.62
CA MET A 18 -3.83 -1.35 -4.38
C MET A 18 -2.41 -0.88 -4.59
N CYS A 19 -2.12 -0.41 -5.79
CA CYS A 19 -0.82 0.13 -6.14
C CYS A 19 -1.10 1.45 -6.83
N GLY A 20 -0.08 2.31 -6.92
CA GLY A 20 -0.28 3.60 -7.54
C GLY A 20 -0.52 3.53 -9.02
N ASP A 21 0.31 2.75 -9.71
CA ASP A 21 0.24 2.58 -11.16
C ASP A 21 -0.96 1.74 -11.61
N PRO A 22 -1.93 2.35 -12.30
CA PRO A 22 -3.13 1.66 -12.80
C PRO A 22 -2.78 0.55 -13.78
N LEU A 23 -1.73 0.77 -14.56
CA LEU A 23 -1.31 -0.24 -15.53
C LEU A 23 -0.71 -1.43 -14.80
N ARG A 24 -0.21 -1.18 -13.60
CA ARG A 24 0.38 -2.22 -12.78
C ARG A 24 -0.75 -3.07 -12.20
N ALA A 25 -1.82 -2.40 -11.79
CA ALA A 25 -2.97 -3.10 -11.22
C ALA A 25 -3.62 -4.01 -12.28
N LYS A 26 -3.57 -3.56 -13.53
CA LYS A 26 -4.12 -4.34 -14.64
C LYS A 26 -3.23 -5.55 -14.85
N LEU A 27 -1.92 -5.32 -14.85
CA LEU A 27 -0.95 -6.39 -15.03
C LEU A 27 -1.14 -7.45 -13.95
N ILE A 28 -1.31 -6.98 -12.71
CA ILE A 28 -1.50 -7.86 -11.57
C ILE A 28 -2.76 -8.71 -11.72
N ALA A 29 -3.84 -8.07 -12.18
CA ALA A 29 -5.11 -8.76 -12.35
C ALA A 29 -5.04 -9.82 -13.46
N GLU A 30 -4.26 -9.53 -14.50
CA GLU A 30 -4.10 -10.44 -15.63
C GLU A 30 -3.11 -11.55 -15.34
N THR A 31 -2.17 -11.26 -14.44
CA THR A 31 -1.12 -12.22 -14.10
C THR A 31 -1.40 -13.13 -12.91
N TYR A 32 -2.00 -12.59 -11.85
CA TYR A 32 -2.25 -13.40 -10.65
C TYR A 32 -3.69 -13.78 -10.34
N LEU A 33 -4.65 -13.13 -10.98
CA LEU A 33 -6.04 -13.47 -10.70
C LEU A 33 -6.68 -14.34 -11.77
N GLU A 34 -7.62 -15.17 -11.36
CA GLU A 34 -8.33 -16.03 -12.28
C GLU A 34 -9.68 -15.41 -12.58
N ASN A 35 -10.01 -15.31 -13.87
CA ASN A 35 -11.26 -14.73 -14.32
C ASN A 35 -11.44 -13.28 -13.84
N PRO A 36 -10.41 -12.45 -13.98
CA PRO A 36 -10.52 -11.06 -13.54
C PRO A 36 -11.54 -10.29 -14.37
N LYS A 37 -12.38 -9.51 -13.70
CA LYS A 37 -13.39 -8.71 -14.38
C LYS A 37 -13.22 -7.23 -14.00
N LEU A 38 -13.22 -6.36 -15.00
CA LEU A 38 -13.08 -4.92 -14.77
C LEU A 38 -14.38 -4.42 -14.13
N VAL A 39 -14.32 -4.04 -12.87
CA VAL A 39 -15.50 -3.56 -12.15
C VAL A 39 -15.57 -2.05 -12.04
N ASN A 40 -14.47 -1.36 -12.33
CA ASN A 40 -14.42 0.09 -12.27
C ASN A 40 -13.23 0.66 -13.00
N ASN A 41 -13.48 1.51 -13.99
CA ASN A 41 -12.37 2.11 -14.72
C ASN A 41 -12.51 3.62 -14.80
N VAL A 42 -13.27 4.20 -13.87
CA VAL A 42 -13.44 5.64 -13.85
C VAL A 42 -12.03 6.22 -13.71
N ARG A 43 -11.69 7.16 -14.58
CA ARG A 43 -10.38 7.79 -14.56
C ARG A 43 -9.27 6.79 -14.86
N GLY A 44 -9.61 5.75 -15.62
CA GLY A 44 -8.63 4.73 -15.98
C GLY A 44 -7.96 4.07 -14.80
N ILE A 45 -8.64 4.10 -13.64
CA ILE A 45 -8.11 3.54 -12.41
C ILE A 45 -7.90 2.01 -12.39
N GLN A 46 -8.39 1.32 -13.42
CA GLN A 46 -8.25 -0.13 -13.57
C GLN A 46 -8.66 -1.01 -12.37
N GLY A 47 -9.91 -0.88 -11.94
CA GLY A 47 -10.39 -1.68 -10.81
C GLY A 47 -10.89 -3.05 -11.24
N TYR A 48 -10.19 -4.10 -10.83
CA TYR A 48 -10.56 -5.46 -11.18
C TYR A 48 -10.96 -6.31 -9.98
N THR A 49 -11.69 -7.38 -10.27
CA THR A 49 -12.12 -8.33 -9.25
C THR A 49 -12.10 -9.72 -9.87
N GLY A 50 -11.34 -10.60 -9.27
CA GLY A 50 -11.24 -11.97 -9.74
C GLY A 50 -11.09 -12.86 -8.52
N THR A 51 -10.36 -13.95 -8.66
CA THR A 51 -10.16 -14.85 -7.52
C THR A 51 -8.74 -15.37 -7.46
N TYR A 52 -8.29 -15.60 -6.23
CA TYR A 52 -6.97 -16.14 -5.98
C TYR A 52 -7.24 -17.36 -5.10
N LYS A 53 -6.79 -18.53 -5.58
CA LYS A 53 -7.01 -19.78 -4.86
C LYS A 53 -8.46 -19.90 -4.45
N GLY A 54 -9.35 -19.56 -5.38
CA GLY A 54 -10.78 -19.64 -5.14
C GLY A 54 -11.44 -18.53 -4.36
N LYS A 55 -10.64 -17.70 -3.69
CA LYS A 55 -11.22 -16.61 -2.91
C LYS A 55 -11.28 -15.30 -3.69
N PRO A 56 -12.37 -14.52 -3.50
CA PRO A 56 -12.57 -13.24 -4.18
C PRO A 56 -11.51 -12.24 -3.75
N ILE A 57 -11.06 -11.45 -4.71
CA ILE A 57 -10.04 -10.45 -4.45
C ILE A 57 -10.07 -9.40 -5.56
N SER A 58 -9.85 -8.15 -5.18
CA SER A 58 -9.84 -7.05 -6.14
C SER A 58 -8.52 -6.31 -6.12
N VAL A 59 -8.17 -5.76 -7.28
CA VAL A 59 -6.94 -5.00 -7.44
C VAL A 59 -7.34 -3.70 -8.14
N MET A 60 -6.81 -2.58 -7.67
CA MET A 60 -7.15 -1.30 -8.27
C MET A 60 -6.07 -0.27 -8.00
N GLY A 61 -5.89 0.66 -8.94
CA GLY A 61 -4.90 1.70 -8.76
C GLY A 61 -5.42 2.71 -7.75
N HIS A 62 -4.53 3.51 -7.17
CA HIS A 62 -4.93 4.52 -6.20
C HIS A 62 -4.25 5.85 -6.41
N GLY A 63 -3.61 6.02 -7.58
CA GLY A 63 -2.92 7.27 -7.88
C GLY A 63 -1.79 7.53 -6.90
N MET A 64 -1.11 8.65 -7.06
CA MET A 64 0.00 8.98 -6.16
C MET A 64 -0.38 10.07 -5.17
N GLY A 65 0.01 9.88 -3.91
CA GLY A 65 -0.27 10.86 -2.88
C GLY A 65 -1.39 10.54 -1.91
N LEU A 66 -1.27 11.05 -0.68
CA LEU A 66 -2.27 10.83 0.35
C LEU A 66 -3.67 11.26 -0.06
N PRO A 67 -3.80 12.47 -0.65
CA PRO A 67 -5.13 12.93 -1.05
C PRO A 67 -5.85 11.94 -1.97
N SER A 68 -5.10 11.36 -2.90
CA SER A 68 -5.64 10.40 -3.86
C SER A 68 -6.11 9.11 -3.19
N ILE A 69 -5.19 8.41 -2.54
CA ILE A 69 -5.55 7.16 -1.90
C ILE A 69 -6.61 7.37 -0.81
N CYS A 70 -6.75 8.59 -0.32
CA CYS A 70 -7.75 8.87 0.71
C CYS A 70 -9.15 8.81 0.14
N ILE A 71 -9.30 9.28 -1.10
CA ILE A 71 -10.58 9.26 -1.77
C ILE A 71 -11.02 7.80 -2.00
N TYR A 72 -10.13 7.02 -2.60
CA TYR A 72 -10.41 5.63 -2.90
C TYR A 72 -10.62 4.75 -1.67
N ALA A 73 -9.73 4.86 -0.70
CA ALA A 73 -9.83 4.04 0.52
C ALA A 73 -11.13 4.30 1.27
N GLU A 74 -11.48 5.56 1.47
CA GLU A 74 -12.71 5.90 2.18
C GLU A 74 -13.96 5.43 1.43
N GLU A 75 -13.94 5.49 0.11
CA GLU A 75 -15.09 5.04 -0.68
C GLU A 75 -15.23 3.53 -0.59
N LEU A 76 -14.09 2.84 -0.63
CA LEU A 76 -14.08 1.39 -0.55
C LEU A 76 -14.63 0.87 0.77
N TYR A 77 -14.12 1.38 1.88
CA TYR A 77 -14.59 0.93 3.18
C TYR A 77 -16.05 1.33 3.39
N SER A 78 -16.33 2.61 3.18
CA SER A 78 -17.66 3.17 3.37
C SER A 78 -18.77 2.65 2.45
N THR A 79 -18.58 2.75 1.15
CA THR A 79 -19.62 2.32 0.22
C THR A 79 -19.58 0.87 -0.23
N TYR A 80 -18.40 0.40 -0.62
CA TYR A 80 -18.29 -0.97 -1.10
C TYR A 80 -18.03 -2.00 -0.02
N LYS A 81 -18.15 -1.56 1.23
CA LYS A 81 -17.98 -2.41 2.40
C LYS A 81 -16.72 -3.28 2.38
N VAL A 82 -15.62 -2.76 1.86
CA VAL A 82 -14.36 -3.49 1.85
C VAL A 82 -13.87 -3.58 3.29
N LYS A 83 -13.18 -4.67 3.61
CA LYS A 83 -12.68 -4.90 4.97
C LYS A 83 -11.16 -4.73 5.10
N THR A 84 -10.43 -5.14 4.08
CA THR A 84 -8.98 -5.08 4.10
C THR A 84 -8.39 -4.48 2.84
N ILE A 85 -7.49 -3.53 3.01
CA ILE A 85 -6.81 -2.92 1.88
C ILE A 85 -5.32 -3.06 2.10
N ILE A 86 -4.64 -3.71 1.16
CA ILE A 86 -3.20 -3.88 1.27
C ILE A 86 -2.54 -3.11 0.14
N ARG A 87 -1.79 -2.07 0.50
CA ARG A 87 -1.08 -1.30 -0.51
C ARG A 87 0.17 -2.08 -0.90
N VAL A 88 0.29 -2.33 -2.20
CA VAL A 88 1.41 -3.05 -2.75
C VAL A 88 2.10 -2.10 -3.73
N GLY A 89 3.42 -2.04 -3.71
CA GLY A 89 4.07 -1.13 -4.64
C GLY A 89 5.56 -0.95 -4.48
N THR A 90 6.03 0.22 -4.89
CA THR A 90 7.45 0.55 -4.81
C THR A 90 7.66 1.67 -3.82
N CYS A 91 8.92 1.87 -3.44
CA CYS A 91 9.27 2.91 -2.49
C CYS A 91 10.75 3.24 -2.64
N GLY A 92 11.19 4.30 -1.97
CA GLY A 92 12.58 4.71 -2.03
C GLY A 92 13.27 4.48 -0.70
N ALA A 93 14.34 3.69 -0.71
CA ALA A 93 15.07 3.39 0.52
C ALA A 93 15.66 4.65 1.13
N ILE A 94 15.71 4.65 2.47
CA ILE A 94 16.28 5.77 3.21
C ILE A 94 17.46 5.23 3.99
N ASP A 95 17.17 4.25 4.85
CA ASP A 95 18.18 3.62 5.70
C ASP A 95 19.34 3.06 4.89
N MET A 96 20.56 3.36 5.34
CA MET A 96 21.77 2.88 4.69
C MET A 96 21.86 1.36 4.62
N ASP A 97 21.17 0.68 5.55
CA ASP A 97 21.18 -0.78 5.57
C ASP A 97 20.11 -1.40 4.69
N ILE A 98 19.30 -0.56 4.04
CA ILE A 98 18.26 -1.04 3.14
C ILE A 98 18.81 -0.83 1.73
N HIS A 99 18.63 -1.82 0.86
CA HIS A 99 19.15 -1.73 -0.49
C HIS A 99 18.06 -1.90 -1.55
N THR A 100 18.36 -1.41 -2.75
CA THR A 100 17.41 -1.52 -3.86
C THR A 100 17.06 -2.99 -4.03
N ARG A 101 15.78 -3.25 -4.28
CA ARG A 101 15.26 -4.61 -4.47
C ARG A 101 14.84 -5.28 -3.17
N ASP A 102 15.10 -4.63 -2.04
CA ASP A 102 14.68 -5.19 -0.76
C ASP A 102 13.16 -5.03 -0.67
N ILE A 103 12.52 -5.88 0.14
CA ILE A 103 11.08 -5.81 0.33
C ILE A 103 10.85 -5.28 1.74
N VAL A 104 9.97 -4.29 1.86
CA VAL A 104 9.70 -3.68 3.15
C VAL A 104 8.24 -3.74 3.55
N ILE A 105 8.01 -4.09 4.82
CA ILE A 105 6.66 -4.16 5.36
C ILE A 105 6.55 -3.07 6.42
N PHE A 106 5.67 -2.10 6.18
CA PHE A 106 5.49 -0.99 7.10
C PHE A 106 4.70 -1.34 8.36
N THR A 107 5.26 -0.95 9.50
CA THR A 107 4.60 -1.17 10.79
C THR A 107 3.72 0.07 10.92
N SER A 108 4.22 1.15 10.32
CA SER A 108 3.55 2.45 10.38
C SER A 108 4.20 3.39 9.39
N ALA A 109 3.64 4.58 9.25
CA ALA A 109 4.20 5.56 8.32
C ALA A 109 4.13 6.97 8.88
N GLY A 110 5.26 7.69 8.76
CA GLY A 110 5.31 9.07 9.20
C GLY A 110 4.93 9.89 7.98
N THR A 111 4.76 11.20 8.14
CA THR A 111 4.39 12.02 7.00
C THR A 111 4.63 13.51 7.23
N ASN A 112 4.77 14.25 6.13
CA ASN A 112 4.94 15.69 6.21
C ASN A 112 3.65 16.33 5.74
N SER A 113 2.63 15.50 5.56
CA SER A 113 1.31 15.93 5.15
C SER A 113 0.59 16.52 6.38
N LYS A 114 -0.47 17.29 6.14
CA LYS A 114 -1.23 17.89 7.23
C LYS A 114 -2.56 17.15 7.48
N ILE A 115 -2.89 16.22 6.60
CA ILE A 115 -4.14 15.47 6.69
C ILE A 115 -4.48 14.90 8.07
N ASN A 116 -3.57 14.13 8.65
CA ASN A 116 -3.84 13.53 9.94
C ASN A 116 -3.99 14.56 11.06
N ARG A 117 -3.26 15.65 10.98
CA ARG A 117 -3.39 16.69 12.01
C ARG A 117 -4.79 17.30 11.89
N ILE A 118 -5.32 17.33 10.68
CA ILE A 118 -6.65 17.86 10.44
C ILE A 118 -7.71 16.92 11.04
N ARG A 119 -7.52 15.62 10.88
CA ARG A 119 -8.47 14.65 11.41
C ARG A 119 -8.30 14.42 12.90
N PHE A 120 -7.11 14.76 13.43
CA PHE A 120 -6.81 14.51 14.84
C PHE A 120 -6.56 15.73 15.73
N MET A 121 -7.40 16.75 15.59
CA MET A 121 -7.27 17.97 16.40
C MET A 121 -5.86 18.52 16.54
N ASP A 122 -5.15 18.57 15.42
CA ASP A 122 -3.79 19.09 15.38
C ASP A 122 -2.77 18.37 16.25
N HIS A 123 -3.05 17.13 16.66
CA HIS A 123 -2.07 16.38 17.47
C HIS A 123 -1.34 15.35 16.61
N ASP A 124 -0.52 14.53 17.25
CA ASP A 124 0.25 13.50 16.56
C ASP A 124 -0.50 12.18 16.43
N TYR A 125 -1.01 11.89 15.23
CA TYR A 125 -1.70 10.64 15.01
C TYR A 125 -0.66 9.64 14.53
N PRO A 126 -0.59 8.46 15.17
CA PRO A 126 0.41 7.49 14.71
C PRO A 126 -0.21 6.64 13.60
N ALA A 127 0.05 7.00 12.35
CA ALA A 127 -0.50 6.24 11.22
C ALA A 127 0.12 4.85 11.32
N THR A 128 -0.63 3.94 11.94
CA THR A 128 -0.18 2.58 12.17
C THR A 128 -0.92 1.58 11.30
N ALA A 129 -0.17 0.62 10.76
CA ALA A 129 -0.76 -0.42 9.94
C ALA A 129 -1.48 -1.37 10.90
N SER A 130 -2.56 -2.00 10.43
CA SER A 130 -3.33 -2.92 11.26
C SER A 130 -2.44 -4.10 11.67
N PHE A 131 -2.37 -4.37 12.96
CA PHE A 131 -1.54 -5.47 13.45
C PHE A 131 -1.86 -6.80 12.76
N ASP A 132 -3.13 -7.03 12.44
CA ASP A 132 -3.53 -8.27 11.75
C ASP A 132 -2.85 -8.36 10.39
N VAL A 133 -2.86 -7.26 9.66
CA VAL A 133 -2.25 -7.24 8.33
C VAL A 133 -0.73 -7.32 8.41
N VAL A 134 -0.13 -6.66 9.40
CA VAL A 134 1.33 -6.73 9.53
C VAL A 134 1.70 -8.18 9.80
N CYS A 135 0.99 -8.83 10.71
CA CYS A 135 1.27 -10.22 11.03
C CYS A 135 1.05 -11.14 9.84
N ALA A 136 -0.05 -10.95 9.12
CA ALA A 136 -0.33 -11.79 7.96
C ALA A 136 0.79 -11.63 6.92
N LEU A 137 1.22 -10.40 6.71
CA LEU A 137 2.28 -10.12 5.74
C LEU A 137 3.60 -10.72 6.17
N VAL A 138 3.91 -10.65 7.47
CA VAL A 138 5.15 -11.21 7.99
C VAL A 138 5.11 -12.74 8.01
N ASP A 139 3.97 -13.33 8.38
CA ASP A 139 3.89 -14.78 8.41
C ASP A 139 4.05 -15.29 6.98
N ALA A 140 3.41 -14.62 6.04
CA ALA A 140 3.49 -15.00 4.63
C ALA A 140 4.95 -14.96 4.21
N ALA A 141 5.65 -13.90 4.63
CA ALA A 141 7.06 -13.73 4.31
C ALA A 141 7.88 -14.88 4.93
N LYS A 142 7.52 -15.28 6.15
CA LYS A 142 8.23 -16.36 6.81
C LYS A 142 7.92 -17.71 6.16
N GLU A 143 6.64 -17.96 5.91
CA GLU A 143 6.22 -19.22 5.29
C GLU A 143 6.82 -19.38 3.89
N LEU A 144 6.88 -18.28 3.14
CA LEU A 144 7.45 -18.31 1.81
C LEU A 144 8.98 -18.22 1.93
N ASN A 145 9.44 -17.89 3.13
CA ASN A 145 10.86 -17.76 3.41
C ASN A 145 11.51 -16.69 2.52
N ILE A 146 10.84 -15.55 2.39
CA ILE A 146 11.34 -14.43 1.61
C ILE A 146 11.79 -13.33 2.57
N PRO A 147 13.08 -12.98 2.54
CA PRO A 147 13.61 -11.94 3.43
C PRO A 147 12.83 -10.63 3.25
N ALA A 148 12.37 -10.07 4.36
CA ALA A 148 11.64 -8.82 4.31
C ALA A 148 11.98 -8.00 5.54
N LYS A 149 12.10 -6.69 5.36
CA LYS A 149 12.41 -5.81 6.48
C LYS A 149 11.12 -5.18 6.97
N VAL A 150 10.90 -5.22 8.29
CA VAL A 150 9.71 -4.66 8.90
C VAL A 150 10.08 -3.41 9.69
N GLY A 151 9.36 -2.31 9.45
CA GLY A 151 9.65 -1.09 10.16
C GLY A 151 8.88 0.12 9.65
N LYS A 152 9.31 1.30 10.11
CA LYS A 152 8.68 2.56 9.75
C LYS A 152 8.84 2.98 8.29
N GLY A 153 7.75 3.50 7.75
CA GLY A 153 7.77 3.99 6.39
C GLY A 153 7.52 5.49 6.50
N PHE A 154 7.64 6.21 5.39
CA PHE A 154 7.39 7.64 5.41
C PHE A 154 6.62 8.01 4.15
N SER A 155 5.46 8.62 4.33
CA SER A 155 4.63 9.04 3.21
C SER A 155 4.84 10.54 3.00
N THR A 156 5.55 10.89 1.94
CA THR A 156 5.84 12.30 1.66
C THR A 156 4.82 12.91 0.70
N ASP A 157 4.64 14.22 0.83
CA ASP A 157 3.75 14.97 -0.04
C ASP A 157 4.61 15.51 -1.17
N LEU A 158 5.93 15.52 -0.95
CA LEU A 158 6.88 16.04 -1.93
C LEU A 158 7.87 15.01 -2.47
N PHE A 159 7.55 14.39 -3.61
CA PHE A 159 8.46 13.43 -4.21
C PHE A 159 9.81 14.15 -4.37
N TYR A 160 9.76 15.39 -4.87
CA TYR A 160 10.96 16.22 -5.00
C TYR A 160 10.96 17.13 -3.77
N ASN A 161 11.55 16.61 -2.69
CA ASN A 161 11.59 17.29 -1.40
C ASN A 161 12.60 18.43 -1.25
N PRO A 162 12.11 19.67 -1.02
CA PRO A 162 12.95 20.85 -0.85
C PRO A 162 13.84 20.71 0.39
N GLN A 163 13.30 20.11 1.45
CA GLN A 163 14.02 19.90 2.70
C GLN A 163 15.00 18.75 2.54
N THR A 164 16.16 19.05 1.96
CA THR A 164 17.17 18.02 1.70
C THR A 164 17.81 17.39 2.94
N GLU A 165 17.65 18.01 4.10
CA GLU A 165 18.21 17.43 5.32
C GLU A 165 17.33 16.31 5.89
N LEU A 166 16.05 16.33 5.53
CA LEU A 166 15.11 15.34 6.04
C LEU A 166 15.57 13.90 5.80
N ALA A 167 16.10 13.64 4.62
CA ALA A 167 16.56 12.30 4.26
C ALA A 167 17.53 11.74 5.31
N GLN A 168 18.50 12.54 5.72
CA GLN A 168 19.46 12.09 6.70
C GLN A 168 18.85 11.97 8.09
N LEU A 169 17.93 12.86 8.42
CA LEU A 169 17.26 12.80 9.72
C LEU A 169 16.52 11.48 9.81
N MET A 170 15.89 11.09 8.71
CA MET A 170 15.13 9.85 8.66
C MET A 170 16.02 8.63 8.73
N ASN A 171 17.23 8.74 8.17
CA ASN A 171 18.16 7.62 8.22
C ASN A 171 18.61 7.43 9.66
N LYS A 172 18.81 8.54 10.37
CA LYS A 172 19.22 8.50 11.77
C LYS A 172 18.17 7.82 12.63
N PHE A 173 16.90 8.05 12.32
CA PHE A 173 15.82 7.45 13.10
C PHE A 173 15.42 6.11 12.53
N HIS A 174 16.17 5.69 11.51
CA HIS A 174 15.97 4.40 10.87
C HIS A 174 14.66 4.15 10.17
N PHE A 175 14.17 5.14 9.41
CA PHE A 175 12.96 4.93 8.62
C PHE A 175 13.45 4.06 7.47
N LEU A 176 12.69 3.04 7.12
CA LEU A 176 13.09 2.13 6.07
C LEU A 176 13.03 2.71 4.66
N ALA A 177 11.85 3.19 4.26
CA ALA A 177 11.68 3.74 2.92
C ALA A 177 10.66 4.86 2.84
N VAL A 178 10.47 5.38 1.64
CA VAL A 178 9.53 6.47 1.39
C VAL A 178 8.57 6.18 0.24
N GLU A 179 7.29 6.42 0.49
CA GLU A 179 6.27 6.27 -0.54
C GLU A 179 5.32 7.46 -0.40
N MET A 180 4.07 7.35 -0.84
CA MET A 180 3.19 8.52 -0.75
C MET A 180 1.73 8.26 -0.41
N GLU A 181 1.44 7.19 0.33
CA GLU A 181 0.05 6.88 0.62
C GLU A 181 -0.27 6.26 1.99
N SER A 182 0.62 5.39 2.46
CA SER A 182 0.39 4.71 3.74
C SER A 182 -0.14 5.56 4.88
N ALA A 183 0.48 6.70 5.13
CA ALA A 183 0.06 7.58 6.22
C ALA A 183 -1.40 8.02 6.08
N GLY A 184 -1.89 8.06 4.85
CA GLY A 184 -3.27 8.45 4.62
C GLY A 184 -4.19 7.25 4.77
N LEU A 185 -3.75 6.11 4.25
CA LEU A 185 -4.52 4.87 4.29
C LEU A 185 -4.85 4.36 5.70
N PHE A 186 -3.81 4.18 6.50
CA PHE A 186 -3.98 3.63 7.85
C PHE A 186 -5.04 4.30 8.73
N PRO A 187 -5.00 5.63 8.86
CA PRO A 187 -6.03 6.22 9.73
C PRO A 187 -7.47 6.02 9.23
N ILE A 188 -7.67 6.09 7.91
CA ILE A 188 -9.01 5.87 7.35
C ILE A 188 -9.55 4.48 7.73
N ALA A 189 -8.68 3.48 7.69
CA ALA A 189 -9.08 2.12 8.06
C ALA A 189 -9.52 2.09 9.53
N ASP A 190 -8.78 2.80 10.38
CA ASP A 190 -9.11 2.86 11.81
C ASP A 190 -10.51 3.42 11.98
N LEU A 191 -10.77 4.55 11.33
CA LEU A 191 -12.06 5.21 11.42
C LEU A 191 -13.25 4.30 11.05
N TYR A 192 -13.06 3.46 10.04
CA TYR A 192 -14.10 2.54 9.61
C TYR A 192 -14.04 1.17 10.27
N GLY A 193 -13.18 1.03 11.28
CA GLY A 193 -13.07 -0.25 11.96
C GLY A 193 -12.62 -1.35 11.01
N ALA A 194 -11.90 -0.98 9.96
CA ALA A 194 -11.40 -1.94 8.98
C ALA A 194 -9.89 -2.11 9.11
N ARG A 195 -9.28 -2.77 8.14
CA ARG A 195 -7.85 -3.03 8.17
C ARG A 195 -7.09 -2.54 6.95
N ALA A 196 -5.83 -2.15 7.17
CA ALA A 196 -4.95 -1.68 6.11
C ALA A 196 -3.51 -2.05 6.41
N GLY A 197 -2.73 -2.27 5.36
CA GLY A 197 -1.33 -2.62 5.51
C GLY A 197 -0.57 -2.17 4.28
N CYS A 198 0.75 -2.32 4.31
CA CYS A 198 1.56 -1.92 3.18
C CYS A 198 2.85 -2.74 3.06
N ILE A 199 3.18 -3.11 1.83
CA ILE A 199 4.38 -3.87 1.54
C ILE A 199 4.93 -3.31 0.23
N CYS A 200 6.21 -2.97 0.21
CA CYS A 200 6.82 -2.39 -0.99
C CYS A 200 8.18 -2.95 -1.32
N THR A 201 8.53 -2.84 -2.60
CA THR A 201 9.82 -3.29 -3.08
C THR A 201 10.59 -2.02 -3.39
N VAL A 202 11.76 -1.88 -2.78
CA VAL A 202 12.60 -0.70 -2.99
C VAL A 202 13.09 -0.62 -4.43
N SER A 203 12.62 0.38 -5.15
CA SER A 203 13.01 0.57 -6.54
C SER A 203 14.26 1.43 -6.71
N ASP A 204 14.68 2.07 -5.63
CA ASP A 204 15.87 2.91 -5.67
C ASP A 204 16.20 3.45 -4.27
N HIS A 205 17.44 3.90 -4.09
CA HIS A 205 17.85 4.44 -2.81
C HIS A 205 18.03 5.95 -2.96
N ILE A 206 17.56 6.72 -1.98
CA ILE A 206 17.67 8.16 -2.08
C ILE A 206 18.95 8.76 -1.51
N LEU A 207 19.68 8.00 -0.69
CA LEU A 207 20.92 8.52 -0.12
C LEU A 207 22.19 8.16 -0.90
N HIS A 208 22.06 7.27 -1.89
CA HIS A 208 23.19 6.88 -2.72
C HIS A 208 22.74 6.05 -3.93
N HIS A 209 23.64 5.89 -4.90
CA HIS A 209 23.32 5.15 -6.12
C HIS A 209 23.69 3.66 -6.11
N GLU A 210 22.70 2.83 -6.37
CA GLU A 210 22.91 1.38 -6.42
C GLU A 210 22.47 0.84 -7.78
N GLU A 216 15.98 -8.35 -13.06
CA GLU A 216 16.32 -8.66 -11.67
C GLU A 216 15.38 -7.94 -10.70
N ARG A 217 14.83 -6.81 -11.15
CA ARG A 217 13.90 -6.03 -10.34
C ARG A 217 12.53 -6.72 -10.32
N GLN A 218 12.31 -7.62 -11.27
CA GLN A 218 11.05 -8.35 -11.36
C GLN A 218 10.90 -9.37 -10.25
N ASN A 219 11.96 -10.12 -9.99
CA ASN A 219 11.96 -11.14 -8.95
C ASN A 219 11.50 -10.54 -7.63
N SER A 220 12.06 -9.39 -7.31
CA SER A 220 11.74 -8.68 -6.08
C SER A 220 10.25 -8.33 -6.05
N PHE A 221 9.76 -7.80 -7.16
CA PHE A 221 8.36 -7.43 -7.28
C PHE A 221 7.44 -8.64 -7.20
N GLN A 222 7.79 -9.71 -7.91
CA GLN A 222 6.98 -10.92 -7.90
C GLN A 222 6.97 -11.55 -6.51
N ASN A 223 8.08 -11.45 -5.80
CA ASN A 223 8.17 -12.00 -4.45
C ASN A 223 7.23 -11.22 -3.53
N MET A 224 7.22 -9.90 -3.68
CA MET A 224 6.36 -9.04 -2.88
C MET A 224 4.91 -9.42 -3.13
N MET A 225 4.56 -9.64 -4.40
CA MET A 225 3.20 -10.01 -4.77
C MET A 225 2.79 -11.32 -4.10
N LYS A 226 3.69 -12.30 -4.09
CA LYS A 226 3.41 -13.57 -3.46
C LYS A 226 3.04 -13.34 -2.01
N ILE A 227 3.84 -12.54 -1.32
CA ILE A 227 3.58 -12.25 0.08
C ILE A 227 2.21 -11.60 0.26
N ALA A 228 1.94 -10.55 -0.50
CA ALA A 228 0.66 -9.85 -0.39
C ALA A 228 -0.51 -10.78 -0.68
N LEU A 229 -0.42 -11.54 -1.76
CA LEU A 229 -1.48 -12.46 -2.12
C LEU A 229 -1.70 -13.53 -1.03
N GLU A 230 -0.63 -14.17 -0.60
CA GLU A 230 -0.76 -15.18 0.43
C GLU A 230 -1.31 -14.58 1.73
N ALA A 231 -0.89 -13.37 2.06
CA ALA A 231 -1.37 -12.71 3.27
C ALA A 231 -2.86 -12.38 3.13
N ALA A 232 -3.29 -12.07 1.92
CA ALA A 232 -4.70 -11.77 1.67
C ALA A 232 -5.54 -13.01 2.01
N ILE A 233 -5.07 -14.18 1.59
CA ILE A 233 -5.78 -15.42 1.87
C ILE A 233 -5.85 -15.64 3.39
N LYS A 234 -4.75 -15.36 4.09
CA LYS A 234 -4.71 -15.53 5.53
C LYS A 234 -5.68 -14.63 6.30
N LEU A 235 -6.08 -13.52 5.69
CA LEU A 235 -6.98 -12.56 6.34
C LEU A 235 -8.47 -12.76 6.04
O6 2ND B . 11.56 7.33 -3.55
C6 2ND B . 10.35 7.56 -3.54
N1 2ND B . 9.85 8.74 -2.99
C2 2ND B . 8.46 8.95 -2.98
N3 2ND B . 7.65 8.05 -3.49
C4 2ND B . 8.09 6.91 -4.04
C5 2ND B . 9.46 6.63 -4.08
N7 2ND B . 9.61 5.46 -4.69
C8 2ND B . 8.39 5.02 -5.02
N9 2ND B . 7.48 5.89 -4.63
C1' 2ND B . 6.02 5.75 -4.88
O4' 2ND B . 5.73 5.83 -6.29
C2' 2ND B . 5.18 6.84 -4.19
C3' 2ND B . 4.16 7.20 -5.27
O3' 2ND B . 3.07 6.27 -5.27
C4' 2ND B . 5.02 7.06 -6.52
C5' 2ND B . 6.03 8.21 -6.70
O5' 2ND B . 6.92 7.88 -7.76
#